data_7VLJ
#
_entry.id   7VLJ
#
_cell.length_a   39.130
_cell.length_b   61.010
_cell.length_c   137.253
_cell.angle_alpha   90.000
_cell.angle_beta   90.000
_cell.angle_gamma   90.000
#
_symmetry.space_group_name_H-M   'P 21 21 21'
#
loop_
_entity.id
_entity.type
_entity.pdbx_description
1 polymer 'Serine protease inhibitor, putative'
2 polymer 'Serine protease inhibitor, putative'
3 non-polymer 'POTASSIUM ION'
4 non-polymer GLYCEROL
5 non-polymer DI(HYDROXYETHYL)ETHER
6 non-polymer 'THIOCYANATE ION'
7 water water
#
loop_
_entity_poly.entity_id
_entity_poly.type
_entity_poly.pdbx_seq_one_letter_code
_entity_poly.pdbx_strand_id
1 'polypeptide(L)'
;MSMDYQDIENMQIALYKLCVDWYNSSPIKEDIVFSTHSMFIAFSLLYIGAAAETKTQLEKVFGFASIPERNFIKFLQSII
KQQDPTMSVTVDIVNGIWASQKLEFTEEYKKAITTLDCQLKNVNFGNDSENIRQEINKFVEEATRKVIVDFLQPGTISGD
TIAVIVNAIYFKGEWETPFKIVQKKMKFEGDEEVVVMKERIECSAVFTEKYTSVSIPYVGNQYSMVIIMPNNMKEFEKEN
MGELKEYVRRTIQEFSEKRNVTIPKFKIETSFSMNQQLKQLGLINAFDERADFSKMAKGHFCVSEAIHKAVVEVDEKGTI
AAAATGIALM
;
A
2 'polypeptide(L)' RCCLPLEPPRDVIINKPYFFVIIGEEQYPLFFGKVSHPRFKLEHHHHHH B
#
# COMPACT_ATOMS: atom_id res chain seq x y z
N MET A 1 -16.89 13.65 4.64
CA MET A 1 -17.11 12.57 3.63
C MET A 1 -17.13 13.10 2.19
N SER A 2 -17.00 14.41 1.93
CA SER A 2 -16.91 14.96 0.55
C SER A 2 -15.88 16.08 0.45
N MET A 3 -14.64 15.75 0.03
CA MET A 3 -13.49 16.70 0.01
C MET A 3 -13.53 17.54 -1.28
N ASP A 4 -12.91 18.72 -1.26
CA ASP A 4 -12.80 19.58 -2.49
C ASP A 4 -12.10 18.79 -3.59
N TYR A 5 -12.45 19.08 -4.84
CA TYR A 5 -11.87 18.33 -5.98
C TYR A 5 -10.38 18.62 -6.11
N GLN A 6 -9.99 19.87 -5.94
CA GLN A 6 -8.56 20.22 -5.99
C GLN A 6 -7.80 19.45 -4.90
N ASP A 7 -8.41 19.30 -3.73
CA ASP A 7 -7.72 18.65 -2.60
C ASP A 7 -7.60 17.16 -2.91
N ILE A 8 -8.63 16.57 -3.49
CA ILE A 8 -8.57 15.15 -3.90
C ILE A 8 -7.44 15.04 -4.93
N GLU A 9 -7.34 15.99 -5.85
CA GLU A 9 -6.27 15.93 -6.89
C GLU A 9 -4.91 16.00 -6.19
N ASN A 10 -4.78 16.89 -5.21
CA ASN A 10 -3.52 17.10 -4.46
C ASN A 10 -3.11 15.78 -3.75
N MET A 11 -4.08 15.06 -3.22
CA MET A 11 -3.77 13.79 -2.53
C MET A 11 -3.50 12.67 -3.54
N GLN A 12 -4.21 12.64 -4.68
CA GLN A 12 -3.87 11.72 -5.80
C GLN A 12 -2.40 11.94 -6.19
N ILE A 13 -2.02 13.21 -6.41
CA ILE A 13 -0.60 13.51 -6.74
C ILE A 13 0.35 12.99 -5.66
N ALA A 14 0.10 13.28 -4.38
CA ALA A 14 0.97 12.87 -3.25
C ALA A 14 1.07 11.36 -3.16
N LEU A 15 -0.06 10.65 -3.25
CA LEU A 15 -0.07 9.18 -3.07
C LEU A 15 0.62 8.48 -4.24
N TYR A 16 0.48 8.96 -5.47
CA TYR A 16 1.21 8.39 -6.62
C TYR A 16 2.68 8.74 -6.49
N LYS A 17 2.99 9.98 -6.05
CA LYS A 17 4.40 10.37 -5.86
C LYS A 17 5.05 9.42 -4.85
N LEU A 18 4.37 9.13 -3.73
CA LEU A 18 4.93 8.22 -2.70
C LEU A 18 5.14 6.80 -3.26
N CYS A 19 4.18 6.33 -4.04
CA CYS A 19 4.21 4.99 -4.66
C CYS A 19 5.41 4.88 -5.60
N VAL A 20 5.55 5.85 -6.50
CA VAL A 20 6.69 5.86 -7.45
C VAL A 20 8.02 6.05 -6.70
N ASP A 21 8.07 6.93 -5.70
CA ASP A 21 9.29 7.21 -4.92
C ASP A 21 9.69 5.94 -4.19
N TRP A 22 8.73 5.21 -3.62
CA TRP A 22 9.06 3.98 -2.93
C TRP A 22 9.61 2.97 -3.95
N TYR A 23 8.96 2.83 -5.08
CA TYR A 23 9.47 1.95 -6.15
C TYR A 23 10.91 2.34 -6.50
N ASN A 24 11.11 3.63 -6.80
CA ASN A 24 12.39 4.18 -7.31
C ASN A 24 13.51 4.09 -6.28
N SER A 25 13.20 3.92 -4.99
CA SER A 25 14.21 3.88 -3.91
C SER A 25 14.42 2.44 -3.45
N SER A 26 13.76 1.47 -4.08
CA SER A 26 13.72 0.06 -3.58
C SER A 26 14.98 -0.66 -4.03
N PRO A 27 15.53 -1.54 -3.19
CA PRO A 27 16.63 -2.42 -3.60
C PRO A 27 16.21 -3.73 -4.29
N ILE A 28 15.02 -4.28 -3.95
CA ILE A 28 14.45 -5.56 -4.50
C ILE A 28 13.94 -5.24 -5.92
N LYS A 29 14.26 -6.05 -6.92
CA LYS A 29 14.33 -5.51 -8.30
C LYS A 29 13.20 -6.04 -9.17
N GLU A 30 13.38 -7.19 -9.80
CA GLU A 30 12.51 -7.68 -10.90
C GLU A 30 11.08 -8.00 -10.42
N ASP A 31 10.85 -8.36 -9.13
CA ASP A 31 9.52 -8.80 -8.64
C ASP A 31 9.32 -8.18 -7.25
N ILE A 32 8.27 -7.36 -7.09
CA ILE A 32 8.09 -6.61 -5.81
C ILE A 32 6.61 -6.28 -5.67
N VAL A 33 6.09 -6.38 -4.46
CA VAL A 33 4.76 -5.81 -4.15
C VAL A 33 4.88 -4.98 -2.87
N PHE A 34 4.06 -3.94 -2.74
CA PHE A 34 4.01 -3.16 -1.49
C PHE A 34 2.73 -2.33 -1.49
N SER A 35 2.36 -1.86 -0.31
CA SER A 35 1.25 -0.88 -0.12
C SER A 35 1.83 0.39 0.48
N THR A 36 2.14 1.37 -0.37
CA THR A 36 2.49 2.72 0.13
C THR A 36 1.22 3.34 0.75
N HIS A 37 0.01 2.88 0.37
CA HIS A 37 -1.22 3.31 1.08
C HIS A 37 -1.11 2.98 2.57
N SER A 38 -0.70 1.73 2.90
CA SER A 38 -0.48 1.33 4.32
C SER A 38 0.60 2.19 4.96
N MET A 39 1.71 2.37 4.25
CA MET A 39 2.84 3.14 4.82
C MET A 39 2.33 4.53 5.18
N PHE A 40 1.60 5.13 4.24
CA PHE A 40 1.09 6.51 4.45
C PHE A 40 0.25 6.54 5.73
N ILE A 41 -0.65 5.58 5.87
CA ILE A 41 -1.57 5.59 7.06
C ILE A 41 -0.77 5.39 8.36
N ALA A 42 0.16 4.45 8.39
CA ALA A 42 0.92 4.23 9.64
C ALA A 42 1.73 5.49 9.97
N PHE A 43 2.44 6.02 8.97
CA PHE A 43 3.29 7.23 9.18
C PHE A 43 2.42 8.47 9.45
N SER A 44 1.17 8.45 8.99
CA SER A 44 0.24 9.57 9.30
C SER A 44 0.06 9.67 10.82
N LEU A 45 0.00 8.51 11.47
CA LEU A 45 -0.22 8.48 12.95
C LEU A 45 1.04 8.97 13.66
N LEU A 46 2.21 8.74 13.07
CA LEU A 46 3.46 9.30 13.64
C LEU A 46 3.43 10.81 13.38
N TYR A 47 3.14 11.21 12.15
CA TYR A 47 3.13 12.63 11.74
C TYR A 47 2.18 13.49 12.59
N ILE A 48 1.05 12.94 13.01
CA ILE A 48 0.12 13.71 13.88
C ILE A 48 0.86 14.17 15.16
N GLY A 49 1.88 13.45 15.58
CA GLY A 49 2.65 13.84 16.77
C GLY A 49 3.93 14.59 16.47
N ALA A 50 4.19 14.86 15.20
CA ALA A 50 5.48 15.46 14.80
C ALA A 50 5.49 16.98 14.88
N ALA A 51 6.67 17.52 15.09
CA ALA A 51 6.81 18.99 15.05
C ALA A 51 8.14 19.38 14.40
N ALA A 52 8.27 20.66 14.09
CA ALA A 52 9.56 21.18 13.60
C ALA A 52 10.08 20.42 12.38
N GLU A 53 11.38 20.12 12.35
CA GLU A 53 12.02 19.51 11.15
C GLU A 53 11.56 18.07 10.91
N THR A 54 11.18 17.37 11.98
CA THR A 54 10.61 16.01 11.81
C THR A 54 9.30 16.12 11.01
N LYS A 55 8.42 17.04 11.39
CA LYS A 55 7.16 17.28 10.66
C LYS A 55 7.46 17.57 9.19
N THR A 56 8.38 18.50 8.93
CA THR A 56 8.68 18.91 7.54
C THR A 56 9.20 17.71 6.72
N GLN A 57 10.09 16.90 7.29
CA GLN A 57 10.66 15.75 6.53
C GLN A 57 9.56 14.71 6.23
N LEU A 58 8.67 14.49 7.20
CA LEU A 58 7.53 13.57 6.92
C LEU A 58 6.67 14.13 5.79
N GLU A 59 6.44 15.44 5.81
CA GLU A 59 5.64 16.10 4.75
C GLU A 59 6.34 15.92 3.39
N LYS A 60 7.65 16.01 3.38
CA LYS A 60 8.39 15.90 2.09
C LYS A 60 8.24 14.49 1.51
N VAL A 61 8.42 13.49 2.36
CA VAL A 61 8.37 12.07 1.88
C VAL A 61 6.94 11.63 1.57
N PHE A 62 5.98 11.91 2.46
CA PHE A 62 4.62 11.34 2.30
C PHE A 62 3.54 12.25 1.72
N GLY A 63 3.80 13.56 1.70
CA GLY A 63 2.85 14.52 1.09
C GLY A 63 1.72 14.90 2.03
N PHE A 64 1.94 14.77 3.33
CA PHE A 64 0.86 15.03 4.31
C PHE A 64 0.32 16.48 4.28
N ALA A 65 1.14 17.43 3.88
CA ALA A 65 0.70 18.85 3.90
C ALA A 65 0.15 19.29 2.54
N SER A 66 -0.27 18.33 1.72
CA SER A 66 -0.86 18.63 0.39
C SER A 66 -2.27 19.20 0.56
N ILE A 67 -2.82 19.07 1.76
CA ILE A 67 -4.19 19.56 2.03
C ILE A 67 -4.14 20.37 3.32
N PRO A 68 -5.14 21.24 3.60
CA PRO A 68 -5.17 21.95 4.85
C PRO A 68 -5.05 21.07 6.10
N GLU A 69 -4.31 21.56 7.09
CA GLU A 69 -4.14 20.82 8.36
C GLU A 69 -5.47 20.48 9.02
N ARG A 70 -6.46 21.39 8.97
CA ARG A 70 -7.77 21.14 9.63
C ARG A 70 -8.53 20.00 8.93
N ASN A 71 -8.10 19.58 7.74
CA ASN A 71 -8.73 18.44 7.04
C ASN A 71 -7.88 17.16 7.09
N PHE A 72 -6.74 17.20 7.77
CA PHE A 72 -5.82 16.03 7.75
C PHE A 72 -6.46 14.78 8.38
N ILE A 73 -6.88 14.88 9.63
CA ILE A 73 -7.54 13.72 10.31
C ILE A 73 -8.76 13.27 9.50
N LYS A 74 -9.55 14.22 8.98
CA LYS A 74 -10.75 13.86 8.20
C LYS A 74 -10.36 13.13 6.91
N PHE A 75 -9.27 13.56 6.30
CA PHE A 75 -8.77 12.82 5.10
C PHE A 75 -8.39 11.37 5.50
N LEU A 76 -7.65 11.24 6.59
CA LEU A 76 -7.31 9.88 7.08
C LEU A 76 -8.58 9.05 7.29
N GLN A 77 -9.60 9.65 7.90
CA GLN A 77 -10.87 8.93 8.14
C GLN A 77 -11.44 8.53 6.78
N SER A 78 -11.36 9.41 5.80
CA SER A 78 -11.89 9.20 4.42
C SER A 78 -11.24 7.99 3.76
N ILE A 79 -9.99 7.69 4.14
CA ILE A 79 -9.28 6.55 3.48
C ILE A 79 -9.28 5.32 4.40
N ILE A 80 -9.42 5.52 5.70
CA ILE A 80 -9.52 4.33 6.59
C ILE A 80 -10.96 3.79 6.55
N LYS A 81 -11.93 4.67 6.76
CA LYS A 81 -13.34 4.22 6.88
C LYS A 81 -14.04 4.13 5.55
N GLN A 82 -15.08 3.30 5.54
CA GLN A 82 -15.86 3.12 4.31
C GLN A 82 -16.56 4.43 3.95
N GLN A 83 -16.36 4.91 2.75
CA GLN A 83 -17.15 6.06 2.28
C GLN A 83 -18.33 5.47 1.50
N ASP A 84 -18.07 5.03 0.28
CA ASP A 84 -19.14 4.34 -0.48
C ASP A 84 -19.14 2.86 -0.12
N PRO A 85 -20.32 2.20 -0.11
CA PRO A 85 -20.37 0.76 0.10
C PRO A 85 -19.45 0.05 -0.91
N THR A 86 -18.83 -1.04 -0.46
CA THR A 86 -17.89 -1.84 -1.29
C THR A 86 -18.64 -3.01 -1.92
N MET A 87 -19.86 -3.25 -1.47
CA MET A 87 -20.73 -4.30 -2.06
C MET A 87 -20.10 -5.69 -1.88
N SER A 88 -19.71 -6.38 -2.96
CA SER A 88 -19.16 -7.78 -2.84
C SER A 88 -17.69 -7.70 -2.46
N VAL A 89 -17.10 -6.53 -2.62
CA VAL A 89 -15.65 -6.38 -2.38
C VAL A 89 -15.41 -6.11 -0.89
N THR A 90 -14.33 -6.67 -0.36
CA THR A 90 -13.95 -6.41 1.04
C THR A 90 -12.72 -5.51 1.08
N VAL A 91 -12.83 -4.37 1.75
CA VAL A 91 -11.65 -3.47 1.97
C VAL A 91 -11.66 -3.20 3.47
N ASP A 92 -10.66 -3.69 4.17
CA ASP A 92 -10.62 -3.51 5.63
C ASP A 92 -9.29 -2.89 6.03
N ILE A 93 -9.36 -1.67 6.57
CA ILE A 93 -8.14 -0.96 7.01
C ILE A 93 -8.25 -0.73 8.50
N VAL A 94 -7.25 -1.18 9.23
CA VAL A 94 -7.27 -1.06 10.70
C VAL A 94 -5.93 -0.50 11.19
N ASN A 95 -5.99 0.19 12.31
CA ASN A 95 -4.76 0.70 12.93
C ASN A 95 -4.78 0.32 14.41
N GLY A 96 -3.60 0.06 14.95
CA GLY A 96 -3.44 -0.26 16.37
C GLY A 96 -2.19 0.39 16.92
N ILE A 97 -2.28 0.92 18.14
CA ILE A 97 -1.09 1.50 18.84
C ILE A 97 -0.92 0.79 20.18
N TRP A 98 0.26 0.28 20.41
CA TRP A 98 0.61 -0.35 21.70
C TRP A 98 1.62 0.61 22.34
N ALA A 99 1.22 1.27 23.43
CA ALA A 99 2.07 2.29 24.06
C ALA A 99 2.51 1.86 25.47
N SER A 100 3.74 2.18 25.81
CA SER A 100 4.22 1.93 27.19
C SER A 100 3.25 2.57 28.17
N GLN A 101 3.02 1.91 29.29
CA GLN A 101 2.18 2.47 30.37
C GLN A 101 2.83 3.74 30.94
N LYS A 102 4.10 3.97 30.64
CA LYS A 102 4.86 5.15 31.14
C LYS A 102 4.68 6.35 30.19
N LEU A 103 4.13 6.12 28.99
CA LEU A 103 3.94 7.20 27.97
C LEU A 103 2.68 8.02 28.24
N GLU A 104 2.81 9.34 28.29
CA GLU A 104 1.61 10.20 28.41
C GLU A 104 1.41 10.89 27.06
N PHE A 105 0.38 10.47 26.35
CA PHE A 105 0.06 11.12 25.07
C PHE A 105 -0.50 12.51 25.35
N THR A 106 -0.28 13.43 24.44
CA THR A 106 -0.90 14.77 24.56
C THR A 106 -2.41 14.65 24.39
N GLU A 107 -3.13 15.67 24.85
CA GLU A 107 -4.60 15.69 24.66
C GLU A 107 -4.92 15.62 23.18
N GLU A 108 -4.21 16.42 22.38
CA GLU A 108 -4.44 16.46 20.92
C GLU A 108 -4.22 15.06 20.34
N TYR A 109 -3.16 14.39 20.79
CA TYR A 109 -2.82 13.07 20.17
C TYR A 109 -3.90 12.05 20.52
N LYS A 110 -4.31 12.04 21.79
CA LYS A 110 -5.31 11.05 22.24
C LYS A 110 -6.60 11.28 21.45
N LYS A 111 -7.02 12.53 21.33
CA LYS A 111 -8.26 12.88 20.60
C LYS A 111 -8.18 12.39 19.15
N ALA A 112 -7.03 12.59 18.51
CA ALA A 112 -6.92 12.20 17.09
C ALA A 112 -7.03 10.68 16.98
N ILE A 113 -6.29 9.96 17.81
CA ILE A 113 -6.31 8.48 17.69
C ILE A 113 -7.70 7.92 18.03
N THR A 114 -8.45 8.58 18.91
CA THR A 114 -9.84 8.14 19.19
C THR A 114 -10.74 8.50 18.01
N THR A 115 -10.51 9.68 17.42
CA THR A 115 -11.35 10.13 16.27
C THR A 115 -11.15 9.13 15.13
N LEU A 116 -9.93 8.61 15.00
CA LEU A 116 -9.61 7.73 13.86
C LEU A 116 -10.00 6.27 14.12
N ASP A 117 -10.57 5.99 15.29
CA ASP A 117 -10.98 4.60 15.64
C ASP A 117 -9.75 3.69 15.71
N CYS A 118 -8.62 4.26 16.11
CA CYS A 118 -7.37 3.48 16.22
C CYS A 118 -7.36 2.72 17.55
N GLN A 119 -7.12 1.42 17.48
CA GLN A 119 -7.05 0.62 18.72
C GLN A 119 -5.88 1.15 19.55
N LEU A 120 -6.10 1.32 20.86
CA LEU A 120 -5.02 1.77 21.76
C LEU A 120 -4.90 0.83 22.97
N LYS A 121 -3.71 0.30 23.18
CA LYS A 121 -3.45 -0.57 24.34
C LYS A 121 -2.26 0.02 25.10
N ASN A 122 -2.36 0.04 26.42
CA ASN A 122 -1.22 0.52 27.27
C ASN A 122 -0.56 -0.74 27.80
N VAL A 123 0.70 -0.95 27.45
CA VAL A 123 1.34 -2.24 27.76
C VAL A 123 2.69 -2.07 28.45
N ASN A 124 3.23 -3.19 28.93
CA ASN A 124 4.50 -3.17 29.68
C ASN A 124 5.56 -3.81 28.78
N PHE A 125 6.20 -2.98 27.96
CA PHE A 125 7.28 -3.49 27.08
C PHE A 125 8.45 -4.01 27.93
N GLY A 126 8.69 -3.38 29.07
CA GLY A 126 9.84 -3.76 29.89
C GLY A 126 9.91 -5.25 30.18
N ASN A 127 8.75 -5.85 30.42
CA ASN A 127 8.72 -7.29 30.79
C ASN A 127 7.88 -8.13 29.83
N ASP A 128 7.02 -7.51 29.01
CA ASP A 128 6.10 -8.34 28.20
C ASP A 128 6.36 -8.23 26.69
N SER A 129 7.52 -7.76 26.28
CA SER A 129 7.82 -7.52 24.83
C SER A 129 7.44 -8.75 23.98
N GLU A 130 7.79 -9.96 24.41
CA GLU A 130 7.53 -11.14 23.54
C GLU A 130 6.03 -11.35 23.38
N ASN A 131 5.30 -11.26 24.49
CA ASN A 131 3.83 -11.43 24.45
C ASN A 131 3.20 -10.34 23.60
N ILE A 132 3.71 -9.12 23.71
CA ILE A 132 3.15 -7.99 22.90
C ILE A 132 3.40 -8.28 21.42
N ARG A 133 4.60 -8.74 21.07
CA ARG A 133 4.91 -9.11 19.67
C ARG A 133 3.86 -10.09 19.17
N GLN A 134 3.60 -11.14 19.94
CA GLN A 134 2.60 -12.15 19.55
C GLN A 134 1.23 -11.51 19.39
N GLU A 135 0.86 -10.64 20.33
CA GLU A 135 -0.46 -9.98 20.27
C GLU A 135 -0.58 -9.15 18.99
N ILE A 136 0.43 -8.36 18.70
CA ILE A 136 0.41 -7.51 17.47
C ILE A 136 0.31 -8.44 16.24
N ASN A 137 1.13 -9.47 16.22
CA ASN A 137 1.13 -10.44 15.08
C ASN A 137 -0.27 -11.06 14.92
N LYS A 138 -0.92 -11.41 16.03
CA LYS A 138 -2.31 -11.95 15.99
C LYS A 138 -3.25 -10.88 15.43
N PHE A 139 -3.10 -9.62 15.87
CA PHE A 139 -3.94 -8.50 15.38
C PHE A 139 -3.81 -8.40 13.84
N VAL A 140 -2.57 -8.43 13.37
CA VAL A 140 -2.33 -8.30 11.89
C VAL A 140 -2.89 -9.53 11.18
N GLU A 141 -2.61 -10.72 11.71
CA GLU A 141 -3.13 -11.98 11.11
C GLU A 141 -4.66 -11.91 10.98
N GLU A 142 -5.35 -11.48 12.04
CA GLU A 142 -6.82 -11.39 12.01
C GLU A 142 -7.26 -10.34 10.99
N ALA A 143 -6.62 -9.18 11.01
CA ALA A 143 -7.01 -8.08 10.09
C ALA A 143 -6.80 -8.51 8.64
N THR A 144 -5.78 -9.32 8.39
CA THR A 144 -5.43 -9.70 7.00
C THR A 144 -6.02 -11.07 6.66
N ARG A 145 -6.91 -11.59 7.50
CA ARG A 145 -7.54 -12.91 7.26
C ARG A 145 -6.45 -13.96 7.02
N LYS A 146 -5.42 -13.95 7.86
CA LYS A 146 -4.31 -14.94 7.83
C LYS A 146 -3.29 -14.72 6.70
N VAL A 147 -3.38 -13.63 5.96
CA VAL A 147 -2.45 -13.48 4.81
C VAL A 147 -1.07 -13.02 5.32
N ILE A 148 -1.08 -12.14 6.32
CA ILE A 148 0.19 -11.64 6.90
C ILE A 148 0.39 -12.29 8.26
N VAL A 149 1.33 -13.24 8.33
CA VAL A 149 1.57 -13.99 9.58
C VAL A 149 2.97 -13.67 10.10
N ASP A 150 3.15 -13.70 11.43
CA ASP A 150 4.48 -13.43 12.04
C ASP A 150 5.05 -12.10 11.52
N PHE A 151 4.21 -11.06 11.47
CA PHE A 151 4.64 -9.76 10.88
C PHE A 151 5.89 -9.21 11.56
N LEU A 152 5.84 -9.07 12.87
CA LEU A 152 6.99 -8.57 13.64
C LEU A 152 7.85 -9.77 14.04
N GLN A 153 9.07 -9.81 13.55
CA GLN A 153 10.00 -10.91 13.87
C GLN A 153 10.68 -10.64 15.20
N PRO A 154 11.19 -11.69 15.90
CA PRO A 154 11.96 -11.48 17.11
C PRO A 154 13.04 -10.40 16.96
N GLY A 155 13.11 -9.49 17.94
CA GLY A 155 14.15 -8.45 17.94
C GLY A 155 13.62 -7.10 17.52
N THR A 156 12.51 -7.09 16.78
CA THR A 156 11.96 -5.81 16.26
C THR A 156 11.51 -4.98 17.47
N ILE A 157 10.89 -5.65 18.44
CA ILE A 157 10.49 -4.95 19.69
C ILE A 157 11.30 -5.50 20.87
N SER A 158 11.48 -4.69 21.90
CA SER A 158 12.32 -5.07 23.06
C SER A 158 11.83 -4.39 24.33
N GLY A 159 12.59 -4.56 25.42
CA GLY A 159 12.27 -3.87 26.67
C GLY A 159 12.49 -2.37 26.60
N ASP A 160 13.14 -1.91 25.54
CA ASP A 160 13.42 -0.47 25.37
C ASP A 160 12.36 0.18 24.47
N THR A 161 11.47 -0.63 23.90
CA THR A 161 10.37 -0.11 23.06
C THR A 161 9.42 0.76 23.90
N ILE A 162 8.96 1.88 23.35
CA ILE A 162 8.03 2.80 24.08
C ILE A 162 6.68 2.84 23.37
N ALA A 163 6.67 2.52 22.07
CA ALA A 163 5.42 2.49 21.29
C ALA A 163 5.56 1.70 19.98
N VAL A 164 4.46 1.11 19.55
CA VAL A 164 4.42 0.43 18.24
C VAL A 164 3.14 0.87 17.54
N ILE A 165 3.29 1.42 16.34
CA ILE A 165 2.15 1.85 15.50
C ILE A 165 2.03 0.82 14.38
N VAL A 166 0.84 0.28 14.23
CA VAL A 166 0.63 -0.75 13.17
C VAL A 166 -0.57 -0.38 12.31
N ASN A 167 -0.37 -0.41 11.00
CA ASN A 167 -1.49 -0.29 10.07
C ASN A 167 -1.59 -1.62 9.32
N ALA A 168 -2.80 -2.10 9.11
CA ALA A 168 -3.03 -3.25 8.21
C ALA A 168 -4.14 -2.96 7.22
N ILE A 169 -3.98 -3.51 6.00
CA ILE A 169 -4.95 -3.37 4.91
C ILE A 169 -5.24 -4.77 4.39
N TYR A 170 -6.53 -5.07 4.23
CA TYR A 170 -7.02 -6.31 3.61
C TYR A 170 -7.96 -5.96 2.47
N PHE A 171 -7.72 -6.57 1.31
CA PHE A 171 -8.51 -6.43 0.07
C PHE A 171 -8.86 -7.82 -0.45
N LYS A 172 -10.15 -8.01 -0.74
CA LYS A 172 -10.59 -9.27 -1.40
C LYS A 172 -11.69 -8.90 -2.41
N GLY A 173 -11.44 -9.23 -3.68
CA GLY A 173 -12.42 -8.97 -4.74
C GLY A 173 -12.43 -10.09 -5.74
N GLU A 174 -13.62 -10.48 -6.16
CA GLU A 174 -13.77 -11.37 -7.32
C GLU A 174 -13.76 -10.54 -8.60
N TRP A 175 -13.12 -11.09 -9.63
CA TRP A 175 -13.19 -10.53 -10.98
C TRP A 175 -14.67 -10.45 -11.38
N GLU A 176 -15.04 -9.35 -12.01
CA GLU A 176 -16.40 -9.20 -12.56
C GLU A 176 -16.68 -10.36 -13.53
N THR A 177 -15.74 -10.66 -14.41
CA THR A 177 -15.77 -11.82 -15.31
C THR A 177 -14.63 -12.74 -14.88
N PRO A 178 -14.95 -13.90 -14.27
CA PRO A 178 -13.92 -14.88 -13.93
C PRO A 178 -13.15 -15.31 -15.17
N PHE A 179 -11.84 -15.43 -15.00
CA PHE A 179 -10.91 -15.97 -16.01
C PHE A 179 -11.06 -17.50 -16.06
N LYS A 180 -10.66 -18.07 -17.18
CA LYS A 180 -10.50 -19.51 -17.38
C LYS A 180 -9.01 -19.76 -17.49
N ILE A 181 -8.51 -20.71 -16.74
CA ILE A 181 -7.09 -21.15 -16.88
C ILE A 181 -6.90 -21.73 -18.28
N VAL A 182 -5.85 -21.26 -18.95
CA VAL A 182 -5.57 -21.69 -20.33
C VAL A 182 -4.84 -23.02 -20.21
N GLN A 183 -5.26 -24.01 -21.00
CA GLN A 183 -4.67 -25.38 -20.88
C GLN A 183 -3.17 -25.33 -21.11
N LYS A 184 -2.75 -24.63 -22.16
CA LYS A 184 -1.32 -24.53 -22.53
C LYS A 184 -0.64 -23.35 -21.85
N LYS A 185 0.57 -23.60 -21.36
CA LYS A 185 1.38 -22.53 -20.73
C LYS A 185 1.82 -21.53 -21.80
N MET A 186 2.05 -20.29 -21.39
CA MET A 186 2.37 -19.19 -22.32
C MET A 186 3.75 -18.66 -21.98
N LYS A 187 4.66 -18.56 -22.96
CA LYS A 187 5.99 -17.98 -22.75
C LYS A 187 5.86 -16.52 -22.32
N PHE A 188 6.45 -16.21 -21.19
CA PHE A 188 6.56 -14.87 -20.62
C PHE A 188 7.96 -14.34 -20.90
N GLU A 189 8.06 -13.13 -21.49
CA GLU A 189 9.34 -12.61 -22.01
C GLU A 189 10.33 -12.50 -20.86
N GLY A 190 11.55 -13.02 -21.08
CA GLY A 190 12.63 -12.95 -20.09
C GLY A 190 12.49 -14.02 -19.01
N ASP A 191 11.52 -14.92 -19.12
CA ASP A 191 11.14 -15.86 -18.04
C ASP A 191 10.97 -17.26 -18.64
N GLU A 192 9.75 -17.81 -18.64
CA GLU A 192 9.53 -19.23 -19.02
C GLU A 192 8.07 -19.31 -19.44
N GLU A 193 7.62 -20.49 -19.85
CA GLU A 193 6.19 -20.76 -20.08
C GLU A 193 5.49 -20.81 -18.72
N VAL A 194 4.45 -20.01 -18.53
CA VAL A 194 3.73 -19.85 -17.25
C VAL A 194 2.24 -20.11 -17.44
N VAL A 195 1.59 -20.48 -16.34
CA VAL A 195 0.12 -20.67 -16.36
C VAL A 195 -0.52 -19.30 -16.51
N VAL A 196 -1.41 -19.20 -17.49
CA VAL A 196 -2.11 -17.94 -17.73
C VAL A 196 -3.61 -18.17 -17.68
N MET A 197 -4.32 -17.06 -17.57
CA MET A 197 -5.78 -17.12 -17.44
C MET A 197 -6.36 -16.19 -18.50
N LYS A 198 -7.47 -16.60 -19.08
CA LYS A 198 -7.99 -15.79 -20.20
C LYS A 198 -9.51 -15.82 -20.22
N GLU A 199 -10.06 -14.71 -20.68
CA GLU A 199 -11.52 -14.68 -20.91
C GLU A 199 -11.83 -13.44 -21.75
N ARG A 200 -12.97 -13.45 -22.42
CA ARG A 200 -13.51 -12.25 -23.10
C ARG A 200 -14.18 -11.43 -22.03
N ILE A 201 -13.61 -10.31 -21.69
CA ILE A 201 -14.12 -9.48 -20.57
C ILE A 201 -14.40 -8.08 -21.10
N GLU A 202 -15.22 -7.34 -20.37
CA GLU A 202 -15.50 -5.95 -20.75
C GLU A 202 -14.53 -5.08 -19.96
N CYS A 203 -13.61 -4.43 -20.65
CA CYS A 203 -12.53 -3.69 -19.96
C CYS A 203 -12.02 -2.53 -20.81
N SER A 204 -11.48 -1.55 -20.13
CA SER A 204 -10.77 -0.40 -20.73
C SER A 204 -9.32 -0.84 -20.96
N ALA A 205 -8.74 -0.51 -22.10
CA ALA A 205 -7.34 -0.83 -22.43
C ALA A 205 -6.75 0.26 -23.31
N VAL A 206 -5.47 0.51 -23.09
CA VAL A 206 -4.74 1.56 -23.83
C VAL A 206 -3.53 0.90 -24.50
N PHE A 207 -3.36 1.16 -25.78
CA PHE A 207 -2.21 0.62 -26.54
C PHE A 207 -1.43 1.81 -27.10
N THR A 208 -0.25 2.01 -26.55
CA THR A 208 0.56 3.16 -26.97
C THR A 208 2.01 2.70 -27.18
N GLU A 209 2.85 3.56 -27.72
CA GLU A 209 4.26 3.19 -28.02
C GLU A 209 4.97 2.75 -26.73
N LYS A 210 4.66 3.41 -25.62
CA LYS A 210 5.41 3.15 -24.36
C LYS A 210 4.85 1.95 -23.60
N TYR A 211 3.55 1.65 -23.72
CA TYR A 211 2.96 0.60 -22.86
C TYR A 211 1.61 0.16 -23.40
N THR A 212 1.20 -1.02 -22.94
CA THR A 212 -0.19 -1.52 -23.07
C THR A 212 -0.72 -1.59 -21.66
N SER A 213 -1.92 -1.07 -21.42
CA SER A 213 -2.54 -1.13 -20.10
C SER A 213 -3.95 -1.71 -20.24
N VAL A 214 -4.41 -2.30 -19.14
CA VAL A 214 -5.80 -2.81 -19.01
C VAL A 214 -6.27 -2.62 -17.59
N SER A 215 -7.55 -2.21 -17.44
CA SER A 215 -8.19 -2.11 -16.13
C SER A 215 -9.12 -3.33 -16.05
N ILE A 216 -8.82 -4.26 -15.18
CA ILE A 216 -9.60 -5.52 -15.04
C ILE A 216 -10.53 -5.32 -13.85
N PRO A 217 -11.85 -5.16 -14.09
CA PRO A 217 -12.75 -4.85 -13.02
C PRO A 217 -13.06 -5.97 -12.04
N TYR A 218 -13.21 -5.63 -10.78
CA TYR A 218 -13.82 -6.53 -9.76
C TYR A 218 -15.33 -6.43 -9.90
N VAL A 219 -16.06 -7.44 -9.42
CA VAL A 219 -17.56 -7.39 -9.34
C VAL A 219 -18.00 -6.02 -8.80
N GLY A 220 -18.93 -5.37 -9.50
CA GLY A 220 -19.45 -4.06 -9.07
C GLY A 220 -18.82 -2.93 -9.88
N ASN A 221 -17.64 -3.17 -10.46
CA ASN A 221 -16.99 -2.17 -11.35
C ASN A 221 -16.68 -0.87 -10.60
N GLN A 222 -16.37 -0.96 -9.31
CA GLN A 222 -15.95 0.22 -8.49
C GLN A 222 -14.45 0.10 -8.19
N TYR A 223 -13.96 -1.13 -8.06
CA TYR A 223 -12.51 -1.42 -7.93
C TYR A 223 -12.00 -2.11 -9.18
N SER A 224 -10.72 -1.93 -9.50
CA SER A 224 -10.10 -2.72 -10.59
C SER A 224 -8.62 -2.93 -10.30
N MET A 225 -8.04 -3.85 -11.04
CA MET A 225 -6.56 -4.01 -11.09
C MET A 225 -6.15 -3.38 -12.41
N VAL A 226 -5.30 -2.37 -12.36
CA VAL A 226 -4.79 -1.75 -13.61
C VAL A 226 -3.40 -2.33 -13.86
N ILE A 227 -3.25 -3.03 -14.97
CA ILE A 227 -1.93 -3.58 -15.39
C ILE A 227 -1.34 -2.61 -16.41
N ILE A 228 -0.11 -2.21 -16.18
CA ILE A 228 0.68 -1.36 -17.10
C ILE A 228 1.90 -2.15 -17.52
N MET A 229 1.89 -2.59 -18.77
CA MET A 229 2.95 -3.46 -19.34
C MET A 229 3.79 -2.62 -20.29
N PRO A 230 4.98 -2.17 -19.87
CA PRO A 230 5.84 -1.42 -20.79
C PRO A 230 6.23 -2.27 -22.00
N ASN A 231 6.51 -1.59 -23.12
CA ASN A 231 7.06 -2.30 -24.31
C ASN A 231 8.57 -2.46 -24.08
N ASN A 232 9.15 -1.60 -23.23
CA ASN A 232 10.58 -1.73 -22.86
C ASN A 232 10.71 -1.35 -21.38
N MET A 233 10.70 -2.35 -20.49
CA MET A 233 10.64 -2.10 -19.03
C MET A 233 11.73 -1.13 -18.58
N LYS A 234 12.95 -1.33 -19.05
CA LYS A 234 14.07 -0.45 -18.60
C LYS A 234 13.83 1.00 -19.02
N GLU A 235 13.50 1.27 -20.28
CA GLU A 235 13.30 2.68 -20.65
C GLU A 235 12.17 3.27 -19.83
N PHE A 236 11.08 2.51 -19.67
CA PHE A 236 9.90 3.01 -18.93
C PHE A 236 10.36 3.39 -17.51
N GLU A 237 11.14 2.50 -16.91
CA GLU A 237 11.63 2.71 -15.53
C GLU A 237 12.40 4.04 -15.48
N LYS A 238 13.20 4.30 -16.52
CA LYS A 238 14.08 5.50 -16.51
C LYS A 238 13.33 6.79 -16.82
N GLU A 239 12.26 6.72 -17.61
CA GLU A 239 11.63 7.98 -18.05
C GLU A 239 10.16 8.15 -17.70
N ASN A 240 9.40 7.07 -17.56
CA ASN A 240 7.93 7.20 -17.50
C ASN A 240 7.30 6.92 -16.14
N MET A 241 8.08 6.51 -15.16
CA MET A 241 7.44 6.09 -13.87
C MET A 241 6.67 7.26 -13.28
N GLY A 242 7.15 8.50 -13.45
CA GLY A 242 6.57 9.69 -12.80
C GLY A 242 5.15 10.00 -13.29
N GLU A 243 4.75 9.44 -14.43
CA GLU A 243 3.39 9.72 -14.96
C GLU A 243 2.50 8.48 -14.77
N LEU A 244 2.86 7.59 -13.84
CA LEU A 244 1.96 6.47 -13.44
C LEU A 244 0.54 7.00 -13.16
N LYS A 245 0.37 8.10 -12.41
CA LYS A 245 -0.98 8.60 -12.05
C LYS A 245 -1.82 8.80 -13.34
N GLU A 246 -1.22 9.45 -14.33
CA GLU A 246 -1.91 9.79 -15.60
C GLU A 246 -2.11 8.52 -16.44
N TYR A 247 -1.21 7.54 -16.41
CA TYR A 247 -1.43 6.31 -17.23
C TYR A 247 -2.59 5.53 -16.63
N VAL A 248 -2.71 5.51 -15.31
CA VAL A 248 -3.90 4.89 -14.65
C VAL A 248 -5.13 5.69 -15.05
N ARG A 249 -5.09 7.02 -14.94
CA ARG A 249 -6.27 7.87 -15.23
C ARG A 249 -6.68 7.59 -16.69
N ARG A 250 -5.72 7.58 -17.61
CA ARG A 250 -6.07 7.47 -19.04
C ARG A 250 -6.72 6.10 -19.28
N THR A 251 -6.19 5.07 -18.63
CA THR A 251 -6.73 3.68 -18.77
C THR A 251 -8.18 3.62 -18.29
N ILE A 252 -8.48 4.18 -17.12
CA ILE A 252 -9.83 4.12 -16.52
C ILE A 252 -10.79 4.96 -17.39
N GLN A 253 -10.31 6.06 -17.96
CA GLN A 253 -11.16 6.98 -18.79
C GLN A 253 -11.51 6.35 -20.16
N GLU A 254 -10.71 5.42 -20.63
CA GLU A 254 -10.93 4.82 -21.97
C GLU A 254 -12.25 4.04 -21.98
N PHE A 255 -12.90 3.97 -23.14
CA PHE A 255 -14.12 3.16 -23.32
C PHE A 255 -13.86 1.70 -22.97
N SER A 256 -14.82 1.03 -22.35
CA SER A 256 -14.77 -0.44 -22.18
C SER A 256 -15.07 -1.09 -23.51
N GLU A 257 -14.30 -2.10 -23.88
CA GLU A 257 -14.62 -2.93 -25.07
C GLU A 257 -14.61 -4.38 -24.60
N LYS A 258 -15.37 -5.23 -25.27
CA LYS A 258 -15.40 -6.68 -24.96
C LYS A 258 -14.23 -7.31 -25.73
N ARG A 259 -13.20 -7.76 -25.05
CA ARG A 259 -11.98 -8.24 -25.71
C ARG A 259 -11.42 -9.42 -24.88
N ASN A 260 -10.61 -10.24 -25.51
CA ASN A 260 -9.81 -11.27 -24.79
C ASN A 260 -8.72 -10.58 -23.96
N VAL A 261 -8.60 -10.97 -22.70
CA VAL A 261 -7.52 -10.57 -21.79
C VAL A 261 -6.89 -11.84 -21.26
N THR A 262 -5.57 -11.95 -21.43
CA THR A 262 -4.74 -13.04 -20.91
C THR A 262 -3.77 -12.44 -19.88
N ILE A 263 -3.72 -12.96 -18.69
CA ILE A 263 -2.75 -12.51 -17.65
C ILE A 263 -2.22 -13.75 -16.94
N PRO A 264 -0.99 -13.71 -16.42
CA PRO A 264 -0.50 -14.80 -15.59
C PRO A 264 -1.31 -14.95 -14.31
N LYS A 265 -1.40 -16.18 -13.84
CA LYS A 265 -1.77 -16.45 -12.44
C LYS A 265 -0.54 -16.12 -11.60
N PHE A 266 -0.65 -15.38 -10.50
CA PHE A 266 0.59 -14.98 -9.79
C PHE A 266 0.32 -14.63 -8.33
N LYS A 267 1.30 -14.98 -7.54
CA LYS A 267 1.36 -14.55 -6.13
C LYS A 267 2.69 -13.85 -5.88
N ILE A 268 2.67 -12.80 -5.09
CA ILE A 268 3.94 -12.11 -4.77
C ILE A 268 3.92 -11.71 -3.31
N GLU A 269 5.03 -11.92 -2.64
CA GLU A 269 5.16 -11.47 -1.25
C GLU A 269 6.47 -10.73 -1.11
N THR A 270 6.47 -9.59 -0.41
CA THR A 270 7.68 -8.79 -0.21
C THR A 270 7.70 -8.32 1.24
N SER A 271 8.86 -8.43 1.89
CA SER A 271 9.09 -7.92 3.25
C SER A 271 10.21 -6.91 3.18
N PHE A 272 10.17 -5.85 3.95
CA PHE A 272 11.42 -5.10 4.12
C PHE A 272 11.46 -4.28 5.40
N SER A 273 12.72 -4.02 5.78
CA SER A 273 13.11 -3.06 6.82
C SER A 273 13.10 -1.73 6.10
N MET A 274 12.32 -0.76 6.55
CA MET A 274 12.14 0.50 5.81
C MET A 274 13.21 1.53 6.14
N ASN A 275 13.98 1.37 7.20
CA ASN A 275 14.73 2.53 7.77
C ASN A 275 15.67 3.17 6.74
N GLN A 276 16.54 2.39 6.11
CA GLN A 276 17.58 2.94 5.21
C GLN A 276 16.91 3.61 4.00
N GLN A 277 15.86 2.96 3.44
CA GLN A 277 15.15 3.50 2.28
C GLN A 277 14.48 4.82 2.65
N LEU A 278 13.88 4.89 3.84
CA LEU A 278 13.24 6.15 4.29
C LEU A 278 14.28 7.26 4.44
N LYS A 279 15.45 6.97 4.94
CA LYS A 279 16.53 7.99 5.05
C LYS A 279 16.93 8.48 3.65
N GLN A 280 17.02 7.55 2.71
CA GLN A 280 17.39 7.94 1.33
C GLN A 280 16.27 8.77 0.69
N LEU A 281 15.05 8.64 1.20
CA LEU A 281 13.91 9.46 0.71
C LEU A 281 13.86 10.81 1.41
N GLY A 282 14.63 10.99 2.49
CA GLY A 282 14.74 12.26 3.21
C GLY A 282 14.12 12.25 4.59
N LEU A 283 13.70 11.08 5.12
CA LEU A 283 13.21 11.01 6.53
C LEU A 283 14.39 10.66 7.41
N ILE A 284 15.04 11.66 7.98
CA ILE A 284 16.34 11.50 8.69
C ILE A 284 16.15 11.71 10.18
N ASN A 285 15.54 12.81 10.62
CA ASN A 285 15.54 13.17 12.06
C ASN A 285 14.72 12.14 12.88
N ALA A 286 13.72 11.52 12.28
CA ALA A 286 12.82 10.57 12.98
C ALA A 286 13.62 9.42 13.60
N PHE A 287 14.83 9.11 13.08
CA PHE A 287 15.54 7.86 13.42
C PHE A 287 16.61 8.08 14.50
N ASP A 288 16.69 9.31 15.03
CA ASP A 288 17.65 9.57 16.14
C ASP A 288 17.13 10.63 17.12
N GLU A 289 18.03 11.11 17.98
CA GLU A 289 17.66 12.07 19.06
C GLU A 289 17.23 13.44 18.52
N ARG A 290 17.43 13.70 17.23
CA ARG A 290 16.92 14.97 16.66
C ARG A 290 15.39 14.89 16.49
N ALA A 291 14.80 13.68 16.61
CA ALA A 291 13.35 13.49 16.38
C ALA A 291 12.54 14.43 17.24
N ASP A 292 11.52 15.03 16.61
CA ASP A 292 10.62 15.93 17.34
C ASP A 292 9.21 15.37 17.25
N PHE A 293 8.84 14.56 18.23
CA PHE A 293 7.46 14.05 18.38
C PHE A 293 6.81 14.68 19.63
N SER A 294 7.00 15.98 19.83
CA SER A 294 6.50 16.74 21.02
C SER A 294 4.98 16.92 20.96
N LYS A 295 4.34 16.69 19.81
CA LYS A 295 2.86 16.75 19.76
C LYS A 295 2.27 15.38 20.11
N MET A 296 3.08 14.34 20.17
CA MET A 296 2.58 12.98 20.46
C MET A 296 2.55 12.78 21.97
N ALA A 297 3.73 12.96 22.55
CA ALA A 297 3.89 12.68 23.99
C ALA A 297 5.06 13.47 24.52
N LYS A 298 5.06 13.66 25.83
CA LYS A 298 6.17 14.38 26.46
C LYS A 298 7.29 13.36 26.56
N GLY A 299 8.52 13.80 26.44
CA GLY A 299 9.63 12.86 26.50
C GLY A 299 10.48 12.93 25.25
N HIS A 300 11.39 11.99 25.09
CA HIS A 300 12.34 12.05 23.96
C HIS A 300 12.27 10.73 23.20
N PHE A 301 11.49 10.68 22.13
CA PHE A 301 11.23 9.40 21.41
C PHE A 301 11.76 9.45 19.98
N CYS A 302 12.03 8.27 19.42
CA CYS A 302 12.55 8.20 18.03
C CYS A 302 12.21 6.83 17.46
N VAL A 303 12.24 6.72 16.13
CA VAL A 303 11.91 5.44 15.46
C VAL A 303 13.12 4.49 15.49
N SER A 304 12.96 3.31 16.07
CA SER A 304 14.01 2.26 16.05
C SER A 304 13.89 1.45 14.76
N GLU A 305 12.68 1.05 14.42
CA GLU A 305 12.44 0.10 13.28
C GLU A 305 11.13 0.47 12.57
N ALA A 306 11.13 0.50 11.23
CA ALA A 306 9.94 0.61 10.36
C ALA A 306 9.95 -0.61 9.42
N ILE A 307 8.85 -1.37 9.40
CA ILE A 307 8.74 -2.68 8.76
C ILE A 307 7.54 -2.63 7.84
N HIS A 308 7.66 -3.25 6.69
CA HIS A 308 6.50 -3.45 5.81
C HIS A 308 6.46 -4.88 5.29
N LYS A 309 5.27 -5.42 5.19
CA LYS A 309 5.07 -6.68 4.46
C LYS A 309 3.81 -6.57 3.63
N ALA A 310 3.87 -7.11 2.43
CA ALA A 310 2.71 -7.11 1.51
C ALA A 310 2.66 -8.46 0.77
N VAL A 311 1.43 -8.86 0.46
CA VAL A 311 1.15 -10.10 -0.31
C VAL A 311 0.03 -9.78 -1.30
N VAL A 312 0.20 -10.18 -2.54
CA VAL A 312 -0.90 -10.15 -3.55
C VAL A 312 -1.03 -11.54 -4.17
N GLU A 313 -2.26 -12.02 -4.22
CA GLU A 313 -2.61 -13.34 -4.82
C GLU A 313 -3.65 -13.12 -5.90
N VAL A 314 -3.29 -13.40 -7.14
CA VAL A 314 -4.16 -13.22 -8.32
C VAL A 314 -4.42 -14.61 -8.91
N ASP A 315 -5.67 -15.06 -8.85
CA ASP A 315 -6.05 -16.31 -9.53
C ASP A 315 -7.21 -16.03 -10.47
N GLU A 316 -7.78 -17.09 -11.03
CA GLU A 316 -8.78 -16.98 -12.10
C GLU A 316 -10.06 -16.41 -11.52
N LYS A 317 -10.25 -16.51 -10.20
CA LYS A 317 -11.48 -16.06 -9.49
C LYS A 317 -11.35 -14.60 -9.04
N GLY A 318 -10.16 -14.13 -8.71
CA GLY A 318 -10.05 -12.75 -8.21
C GLY A 318 -8.71 -12.47 -7.56
N THR A 319 -8.72 -11.51 -6.63
CA THR A 319 -7.50 -11.06 -5.94
C THR A 319 -7.74 -11.03 -4.44
N ILE A 320 -6.73 -11.46 -3.72
CA ILE A 320 -6.60 -11.20 -2.26
C ILE A 320 -5.28 -10.42 -2.11
N ALA A 321 -5.32 -9.29 -1.46
CA ALA A 321 -4.11 -8.51 -1.20
C ALA A 321 -4.12 -8.08 0.26
N ALA A 322 -2.97 -8.14 0.92
CA ALA A 322 -2.89 -7.61 2.29
C ALA A 322 -1.53 -6.97 2.48
N ALA A 323 -1.46 -6.04 3.42
CA ALA A 323 -0.19 -5.38 3.78
C ALA A 323 -0.26 -4.95 5.25
N ALA A 324 0.92 -4.85 5.87
CA ALA A 324 1.02 -4.18 7.17
C ALA A 324 2.27 -3.31 7.21
N THR A 325 2.17 -2.26 8.00
CA THR A 325 3.31 -1.35 8.27
C THR A 325 3.38 -1.19 9.78
N GLY A 326 4.54 -1.44 10.34
CA GLY A 326 4.82 -1.29 11.77
C GLY A 326 5.93 -0.28 12.01
N ILE A 327 5.78 0.52 13.05
CA ILE A 327 6.75 1.57 13.43
C ILE A 327 6.98 1.33 14.92
N ALA A 328 8.22 1.03 15.32
CA ALA A 328 8.58 0.81 16.72
C ALA A 328 9.46 1.99 17.16
N LEU A 329 9.04 2.68 18.24
CA LEU A 329 9.72 3.86 18.87
C LEU A 329 10.38 3.41 20.17
N MET A 330 11.53 4.02 20.46
CA MET A 330 12.41 3.75 21.64
C MET A 330 12.41 4.98 22.56
N PRO B 8 -12.58 -5.21 -34.91
CA PRO B 8 -12.77 -6.04 -33.70
C PRO B 8 -11.80 -5.62 -32.59
N PRO B 9 -12.23 -5.54 -31.30
CA PRO B 9 -11.38 -4.96 -30.27
C PRO B 9 -10.06 -5.75 -30.10
N ARG B 10 -8.97 -5.02 -30.02
CA ARG B 10 -7.63 -5.61 -29.84
C ARG B 10 -7.56 -6.35 -28.51
N ASP B 11 -7.08 -7.58 -28.52
CA ASP B 11 -6.86 -8.37 -27.30
C ASP B 11 -5.69 -7.82 -26.50
N VAL B 12 -5.69 -8.13 -25.22
CA VAL B 12 -4.55 -7.79 -24.32
C VAL B 12 -3.94 -9.13 -23.91
N ILE B 13 -2.65 -9.24 -24.11
CA ILE B 13 -1.89 -10.43 -23.67
C ILE B 13 -0.76 -9.90 -22.80
N ILE B 14 -0.84 -10.19 -21.51
CA ILE B 14 0.21 -9.76 -20.56
C ILE B 14 1.31 -10.82 -20.56
N ASN B 15 2.29 -10.61 -21.43
CA ASN B 15 3.33 -11.62 -21.77
C ASN B 15 4.72 -11.03 -21.61
N LYS B 16 4.85 -9.94 -20.87
CA LYS B 16 6.12 -9.21 -20.67
C LYS B 16 6.01 -8.61 -19.27
N PRO B 17 7.15 -8.33 -18.61
CA PRO B 17 7.11 -7.70 -17.29
C PRO B 17 6.16 -6.49 -17.24
N TYR B 18 5.48 -6.38 -16.12
CA TYR B 18 4.36 -5.43 -15.96
C TYR B 18 4.33 -4.92 -14.51
N PHE B 19 3.72 -3.75 -14.38
CA PHE B 19 3.30 -3.17 -13.12
C PHE B 19 1.81 -3.46 -12.96
N PHE B 20 1.36 -3.50 -11.72
CA PHE B 20 -0.09 -3.52 -11.41
C PHE B 20 -0.35 -2.53 -10.27
N VAL B 21 -1.56 -2.00 -10.25
CA VAL B 21 -2.06 -1.25 -9.09
C VAL B 21 -3.47 -1.73 -8.83
N ILE B 22 -3.81 -1.81 -7.55
CA ILE B 22 -5.21 -2.04 -7.13
C ILE B 22 -5.80 -0.69 -6.75
N ILE B 23 -6.92 -0.33 -7.36
CA ILE B 23 -7.51 1.00 -7.13
C ILE B 23 -9.01 0.88 -6.92
N GLY B 24 -9.54 1.88 -6.20
CA GLY B 24 -10.97 2.20 -6.18
C GLY B 24 -11.28 3.49 -6.93
N GLU B 25 -12.46 4.08 -6.70
CA GLU B 25 -12.94 5.21 -7.54
C GLU B 25 -12.03 6.44 -7.37
N GLU B 26 -11.39 6.64 -6.21
CA GLU B 26 -10.48 7.81 -6.01
C GLU B 26 -9.15 7.56 -6.74
N GLN B 27 -8.97 6.34 -7.27
CA GLN B 27 -7.78 5.91 -8.05
C GLN B 27 -6.52 5.94 -7.18
N TYR B 28 -6.64 6.03 -5.85
CA TYR B 28 -5.46 5.93 -4.95
C TYR B 28 -4.89 4.53 -5.06
N PRO B 29 -3.55 4.39 -5.20
CA PRO B 29 -2.95 3.06 -5.34
C PRO B 29 -2.94 2.31 -4.01
N LEU B 30 -3.86 1.39 -3.84
CA LEU B 30 -4.02 0.63 -2.57
C LEU B 30 -2.84 -0.32 -2.46
N PHE B 31 -2.46 -0.91 -3.59
CA PHE B 31 -1.32 -1.83 -3.71
C PHE B 31 -0.68 -1.58 -5.06
N PHE B 32 0.61 -1.85 -5.11
CA PHE B 32 1.42 -1.68 -6.31
C PHE B 32 2.41 -2.86 -6.38
N GLY B 33 2.70 -3.29 -7.60
CA GLY B 33 3.79 -4.27 -7.79
C GLY B 33 4.28 -4.32 -9.19
N LYS B 34 5.37 -5.05 -9.34
CA LYS B 34 6.02 -5.33 -10.61
C LYS B 34 6.25 -6.83 -10.62
N VAL B 35 5.87 -7.47 -11.72
CA VAL B 35 6.04 -8.93 -11.93
C VAL B 35 6.90 -9.14 -13.17
N SER B 36 8.03 -9.84 -13.02
CA SER B 36 8.91 -10.24 -14.14
C SER B 36 8.94 -11.77 -14.29
N HIS B 37 8.68 -12.49 -13.22
CA HIS B 37 8.74 -13.96 -13.20
C HIS B 37 7.50 -14.44 -12.46
N PRO B 38 6.33 -14.50 -13.16
CA PRO B 38 5.10 -14.88 -12.49
C PRO B 38 5.09 -16.31 -11.93
N ARG B 39 4.82 -16.41 -10.64
CA ARG B 39 4.73 -17.73 -9.98
C ARG B 39 3.60 -17.72 -8.95
N PHE B 40 2.91 -18.85 -8.80
CA PHE B 40 1.89 -19.00 -7.75
C PHE B 40 2.33 -20.18 -6.87
N LYS B 41 3.31 -19.97 -5.99
CA LYS B 41 3.86 -21.04 -5.12
C LYS B 41 3.88 -20.53 -3.68
#